data_6TL4
#
_entry.id   6TL4
#
_cell.length_a   102.269
_cell.length_b   102.269
_cell.length_c   222.918
_cell.angle_alpha   90.000
_cell.angle_beta   90.000
_cell.angle_gamma   120.000
#
_symmetry.space_group_name_H-M   'P 31 2 1'
#
loop_
_entity.id
_entity.type
_entity.pdbx_description
1 polymer Phytochrome
2 non-polymer PHYCOCYANOBILIN
3 water water
#
_entity_poly.entity_id   1
_entity_poly.type   'polypeptide(L)'
_entity_poly.pdbx_seq_one_letter_code
;MAVTSESVPEQQITAYLLKIQRGGFIQPFGSMIAVDEPSFRILAYSDNARDMLGITPQSVPSLDDKNDAAFALGTDIRTL
FTHSSAVLLEKAFSAREISLMNPIWIHSRTSGKPFYGILHRIDVGIVIDLEPARTEDPALSIAGAVQSQKLAVRAISQLQ
SLPGGDVKLLCDTVVESVRELTGYDRVMVYRFHEDEHGEVVAETKRPDLEPYIGLHYPATDIPQASRFLFKQNRVRMIVD
CHASAVRVVQDEALVQPLCLVGSTLRAPHGCHAQYMANMGSTASLVMAVIINGNDEEGVGGRTSMRLWGLVVCHHTSARC
IPFPLRYACEFLMQAFGLQLNMELQLAAQSLEKRVLRTQTLLCDMLLRDSPTGIVTQSPSIMDLVKCDGAALYYQGNYYP
LGVTPTEAQIRDIIEWLLAFHRDSTGLSTDSLADAGYPGAASLGDAVCGMAVAYITEKDFLFWFRSHTAKEIKWGGAKHH
PEDKDDGQRMHPRSSFKAFLEVVKSRSLPWENAEMDAIHSLQLILRDSFKDAEHHHHHH
;
_entity_poly.pdbx_strand_id   A
#
# COMPACT_ATOMS: atom_id res chain seq x y z
N ILE A 13 21.51 -6.65 3.94
CA ILE A 13 20.88 -5.71 3.02
C ILE A 13 19.49 -5.34 3.52
N THR A 14 18.49 -5.63 2.69
CA THR A 14 17.08 -5.51 3.04
C THR A 14 16.59 -6.86 3.53
N ALA A 15 15.97 -6.86 4.71
CA ALA A 15 15.60 -8.11 5.37
C ALA A 15 14.65 -8.93 4.49
N TYR A 16 14.87 -10.25 4.51
CA TYR A 16 14.08 -11.25 3.78
C TYR A 16 14.31 -11.26 2.27
N LEU A 17 14.91 -10.22 1.70
CA LEU A 17 14.63 -9.88 0.30
C LEU A 17 14.96 -11.02 -0.66
N LEU A 18 16.15 -11.61 -0.59
CA LEU A 18 16.29 -12.70 -1.53
C LEU A 18 16.27 -14.07 -0.88
N LYS A 19 16.07 -14.13 0.44
CA LYS A 19 15.45 -15.34 1.01
C LYS A 19 14.12 -15.61 0.34
N ILE A 20 13.44 -14.58 -0.17
CA ILE A 20 12.26 -14.81 -1.01
C ILE A 20 12.63 -14.85 -2.50
N GLN A 21 13.55 -14.00 -2.96
CA GLN A 21 13.88 -13.94 -4.39
C GLN A 21 14.33 -15.30 -4.93
N ARG A 22 15.32 -15.90 -4.29
CA ARG A 22 15.83 -17.21 -4.70
C ARG A 22 15.50 -18.25 -3.63
N GLY A 23 14.23 -18.29 -3.21
CA GLY A 23 13.84 -19.17 -2.11
C GLY A 23 14.21 -20.62 -2.32
N GLY A 24 14.12 -21.11 -3.56
CA GLY A 24 14.46 -22.49 -3.82
C GLY A 24 13.40 -23.50 -3.42
N PHE A 25 12.13 -23.11 -3.42
CA PHE A 25 11.01 -23.97 -3.08
C PHE A 25 9.77 -23.45 -3.80
N ILE A 26 8.83 -24.34 -4.12
CA ILE A 26 7.59 -23.98 -4.81
C ILE A 26 6.41 -24.73 -4.19
N GLN A 27 5.23 -24.37 -4.67
CA GLN A 27 3.95 -24.85 -4.14
C GLN A 27 3.57 -26.17 -4.80
N PRO A 28 2.62 -26.92 -4.23
CA PRO A 28 2.39 -28.29 -4.69
C PRO A 28 1.39 -28.46 -5.83
N PHE A 29 0.78 -27.40 -6.34
CA PHE A 29 -0.31 -27.54 -7.31
C PHE A 29 0.15 -27.58 -8.76
N GLY A 30 1.44 -27.40 -9.03
CA GLY A 30 2.00 -27.56 -10.36
C GLY A 30 3.49 -27.80 -10.16
N SER A 31 4.29 -27.39 -11.15
CA SER A 31 5.74 -27.42 -10.94
C SER A 31 6.45 -26.51 -11.92
N MET A 32 7.62 -26.01 -11.50
CA MET A 32 8.39 -25.02 -12.26
C MET A 32 9.68 -25.64 -12.78
N ILE A 33 9.90 -25.52 -14.09
CA ILE A 33 11.09 -26.03 -14.76
C ILE A 33 11.76 -24.87 -15.48
N ALA A 34 12.96 -24.52 -15.04
CA ALA A 34 13.79 -23.50 -15.67
C ALA A 34 14.68 -24.14 -16.73
N VAL A 35 14.91 -23.40 -17.82
CA VAL A 35 15.68 -23.92 -18.94
C VAL A 35 16.50 -22.80 -19.58
N ASP A 36 17.76 -23.11 -19.83
CA ASP A 36 18.57 -22.48 -20.85
C ASP A 36 17.72 -22.18 -22.11
N GLU A 37 17.98 -21.05 -22.77
CA GLU A 37 17.17 -20.63 -23.91
C GLU A 37 17.67 -21.24 -25.23
N PRO A 38 18.98 -21.25 -25.56
CA PRO A 38 19.40 -21.95 -26.80
C PRO A 38 19.74 -23.43 -26.65
N SER A 39 20.09 -23.90 -25.44
CA SER A 39 20.22 -25.34 -25.30
C SER A 39 18.88 -26.01 -25.29
N PHE A 40 17.88 -25.37 -24.70
CA PHE A 40 16.60 -25.97 -24.38
C PHE A 40 16.77 -27.14 -23.41
N ARG A 41 17.92 -27.22 -22.74
CA ARG A 41 18.22 -28.24 -21.75
C ARG A 41 18.03 -27.72 -20.32
N ILE A 42 17.46 -28.57 -19.47
CA ILE A 42 16.96 -28.13 -18.15
C ILE A 42 18.11 -27.71 -17.24
N LEU A 43 18.07 -26.45 -16.79
CA LEU A 43 18.95 -25.97 -15.73
C LEU A 43 18.42 -26.31 -14.34
N ALA A 44 17.12 -26.60 -14.22
CA ALA A 44 16.47 -26.82 -12.94
C ALA A 44 15.05 -27.31 -13.17
N TYR A 45 14.65 -28.35 -12.44
CA TYR A 45 13.24 -28.74 -12.39
C TYR A 45 12.79 -28.70 -10.93
N SER A 46 11.85 -29.55 -10.55
CA SER A 46 11.51 -29.76 -9.15
C SER A 46 11.20 -31.24 -8.99
N ASP A 47 11.35 -31.74 -7.77
CA ASP A 47 11.29 -33.19 -7.58
C ASP A 47 9.88 -33.75 -7.71
N ASN A 48 8.86 -32.91 -7.83
CA ASN A 48 7.49 -33.35 -8.12
C ASN A 48 7.17 -33.35 -9.61
N ALA A 49 8.16 -33.11 -10.47
CA ALA A 49 7.89 -33.01 -11.90
C ALA A 49 7.45 -34.34 -12.48
N ARG A 50 8.32 -35.35 -12.38
CA ARG A 50 8.20 -36.53 -13.22
C ARG A 50 6.92 -37.31 -12.93
N ASP A 51 6.40 -37.26 -11.70
CA ASP A 51 5.19 -38.03 -11.45
C ASP A 51 3.97 -37.34 -12.05
N MET A 52 3.72 -36.08 -11.67
CA MET A 52 2.42 -35.50 -12.01
C MET A 52 2.35 -35.13 -13.48
N LEU A 53 3.49 -34.94 -14.17
CA LEU A 53 3.36 -34.83 -15.62
C LEU A 53 3.03 -36.19 -16.25
N GLY A 54 3.35 -37.29 -15.55
CA GLY A 54 2.77 -38.58 -15.87
C GLY A 54 3.71 -39.75 -16.04
N ILE A 55 4.99 -39.61 -15.68
CA ILE A 55 5.94 -40.72 -15.79
C ILE A 55 5.89 -41.62 -14.55
N PHE A 71 11.62 -39.80 -16.63
CA PHE A 71 12.28 -38.68 -15.97
C PHE A 71 13.46 -38.15 -16.80
N ALA A 72 14.07 -37.07 -16.34
CA ALA A 72 15.13 -36.41 -17.10
C ALA A 72 15.88 -35.45 -16.20
N LEU A 73 16.98 -34.91 -16.74
CA LEU A 73 17.94 -34.06 -16.04
C LEU A 73 18.95 -33.55 -17.06
N GLY A 74 19.16 -32.24 -17.12
CA GLY A 74 19.98 -31.69 -18.20
C GLY A 74 19.48 -32.08 -19.57
N THR A 75 18.18 -32.24 -19.72
CA THR A 75 17.53 -32.72 -20.93
C THR A 75 16.75 -31.59 -21.57
N ASP A 76 16.42 -31.77 -22.83
CA ASP A 76 15.49 -30.85 -23.47
C ASP A 76 14.06 -31.15 -22.99
N ILE A 77 13.15 -30.18 -23.15
CA ILE A 77 11.79 -30.36 -22.65
C ILE A 77 10.83 -30.79 -23.76
N ARG A 78 11.11 -30.44 -25.02
CA ARG A 78 10.26 -30.91 -26.11
C ARG A 78 10.11 -32.43 -26.06
N THR A 79 11.08 -33.12 -25.44
CA THR A 79 10.99 -34.57 -25.29
C THR A 79 9.70 -34.99 -24.63
N LEU A 80 9.26 -34.27 -23.60
CA LEU A 80 8.29 -34.83 -22.68
C LEU A 80 6.83 -34.70 -23.11
N PHE A 81 6.52 -33.97 -24.19
CA PHE A 81 5.15 -34.08 -24.68
C PHE A 81 5.00 -33.66 -26.14
N THR A 82 3.73 -33.63 -26.58
CA THR A 82 3.32 -33.67 -27.98
C THR A 82 4.14 -32.70 -28.82
N HIS A 83 4.51 -33.12 -30.03
CA HIS A 83 5.25 -32.21 -30.88
C HIS A 83 4.44 -30.97 -31.18
N SER A 84 3.10 -31.04 -31.03
CA SER A 84 2.31 -29.82 -30.99
C SER A 84 2.80 -28.89 -29.91
N SER A 85 2.97 -29.43 -28.71
CA SER A 85 3.40 -28.61 -27.60
C SER A 85 4.77 -27.97 -27.88
N ALA A 86 5.64 -28.69 -28.60
CA ALA A 86 6.89 -28.10 -29.04
C ALA A 86 6.68 -27.01 -30.07
N VAL A 87 5.72 -27.17 -31.00
CA VAL A 87 5.41 -26.04 -31.87
C VAL A 87 5.16 -24.82 -31.01
N LEU A 88 4.32 -24.97 -29.99
CA LEU A 88 3.93 -23.82 -29.19
C LEU A 88 5.10 -23.25 -28.38
N LEU A 89 5.99 -24.09 -27.88
CA LEU A 89 7.06 -23.55 -27.05
C LEU A 89 8.14 -22.87 -27.89
N GLU A 90 8.52 -23.44 -29.03
CA GLU A 90 9.49 -22.73 -29.87
C GLU A 90 8.92 -21.39 -30.32
N LYS A 91 7.61 -21.36 -30.60
CA LYS A 91 6.96 -20.10 -30.91
C LYS A 91 6.77 -19.21 -29.68
N ALA A 92 6.91 -19.74 -28.48
CA ALA A 92 7.01 -18.86 -27.32
C ALA A 92 8.40 -18.25 -27.24
N PHE A 93 9.42 -19.03 -27.60
CA PHE A 93 10.80 -18.59 -27.41
C PHE A 93 11.17 -17.46 -28.36
N SER A 94 10.79 -17.56 -29.63
CA SER A 94 11.21 -16.49 -30.52
C SER A 94 10.22 -15.32 -30.56
N ALA A 95 9.22 -15.31 -29.69
CA ALA A 95 8.31 -14.18 -29.64
C ALA A 95 9.08 -12.92 -29.24
N ARG A 96 8.81 -11.83 -29.96
CA ARG A 96 9.24 -10.49 -29.55
C ARG A 96 9.24 -10.34 -28.04
N GLU A 97 8.13 -10.68 -27.42
CA GLU A 97 7.71 -10.17 -26.12
C GLU A 97 7.12 -11.36 -25.36
N ILE A 98 7.98 -12.30 -24.92
CA ILE A 98 7.57 -13.57 -24.32
C ILE A 98 6.23 -13.44 -23.61
N SER A 99 6.13 -12.43 -22.74
CA SER A 99 4.93 -12.14 -21.97
C SER A 99 3.62 -12.32 -22.74
N LEU A 100 3.59 -12.04 -24.06
CA LEU A 100 2.31 -12.01 -24.74
C LEU A 100 1.73 -13.42 -24.93
N MET A 101 2.59 -14.43 -25.17
CA MET A 101 2.02 -15.71 -25.61
C MET A 101 1.37 -16.47 -24.46
N ASN A 102 1.76 -16.16 -23.22
CA ASN A 102 1.12 -16.80 -22.07
C ASN A 102 -0.35 -16.40 -22.00
N PRO A 103 -1.25 -17.35 -21.71
CA PRO A 103 -0.94 -18.72 -21.30
C PRO A 103 -0.75 -19.70 -22.45
N ILE A 104 0.46 -20.23 -22.68
CA ILE A 104 0.56 -21.32 -23.66
C ILE A 104 -0.11 -22.55 -23.08
N TRP A 105 -0.36 -23.53 -23.94
CA TRP A 105 -1.09 -24.71 -23.51
C TRP A 105 -0.41 -25.96 -24.04
N ILE A 106 -0.12 -26.93 -23.17
CA ILE A 106 0.61 -28.12 -23.57
C ILE A 106 -0.14 -29.38 -23.13
N HIS A 107 0.28 -30.52 -23.71
CA HIS A 107 -0.37 -31.81 -23.54
C HIS A 107 0.69 -32.89 -23.47
N SER A 108 0.78 -33.61 -22.34
CA SER A 108 1.90 -34.52 -22.08
C SER A 108 1.84 -35.81 -22.92
N ARG A 109 2.93 -36.10 -23.66
CA ARG A 109 3.05 -37.30 -24.49
C ARG A 109 2.95 -38.57 -23.67
N THR A 110 3.53 -38.56 -22.46
CA THR A 110 3.52 -39.75 -21.63
C THR A 110 2.15 -40.01 -21.02
N SER A 111 1.29 -38.99 -20.97
CA SER A 111 0.05 -39.14 -20.21
C SER A 111 -1.18 -38.66 -20.96
N GLY A 112 -1.04 -37.58 -21.72
CA GLY A 112 -2.16 -36.84 -22.25
C GLY A 112 -2.61 -35.71 -21.37
N LYS A 113 -2.01 -35.55 -20.19
CA LYS A 113 -2.49 -34.60 -19.20
C LYS A 113 -2.27 -33.16 -19.69
N PRO A 114 -3.27 -32.28 -19.54
CA PRO A 114 -3.16 -30.91 -20.04
C PRO A 114 -2.65 -29.94 -18.98
N PHE A 115 -1.71 -29.09 -19.37
CA PHE A 115 -1.26 -28.06 -18.42
C PHE A 115 -1.12 -26.71 -19.10
N TYR A 116 -1.60 -25.68 -18.40
CA TYR A 116 -1.28 -24.29 -18.72
C TYR A 116 0.20 -24.06 -18.47
N GLY A 117 0.94 -23.67 -19.50
CA GLY A 117 2.32 -23.25 -19.35
C GLY A 117 2.42 -21.73 -19.33
N ILE A 118 3.21 -21.22 -18.40
CA ILE A 118 3.37 -19.79 -18.18
C ILE A 118 4.86 -19.49 -18.04
N LEU A 119 5.38 -18.65 -18.94
CA LEU A 119 6.82 -18.50 -19.13
C LEU A 119 7.28 -17.08 -18.84
N HIS A 120 8.53 -16.96 -18.39
CA HIS A 120 9.12 -15.63 -18.30
C HIS A 120 10.64 -15.75 -18.28
N ARG A 121 11.31 -14.78 -18.90
CA ARG A 121 12.76 -14.79 -19.04
C ARG A 121 13.42 -14.20 -17.80
N ILE A 122 14.40 -14.92 -17.25
CA ILE A 122 15.20 -14.44 -16.13
C ILE A 122 16.66 -14.35 -16.56
N ASP A 123 17.56 -14.18 -15.59
CA ASP A 123 18.98 -14.08 -15.88
C ASP A 123 19.50 -15.34 -16.55
N VAL A 124 19.41 -16.48 -15.86
CA VAL A 124 19.99 -17.72 -16.36
C VAL A 124 19.26 -18.20 -17.61
N GLY A 125 17.96 -17.98 -17.71
CA GLY A 125 17.24 -18.38 -18.91
C GLY A 125 15.76 -18.05 -18.88
N ILE A 126 14.93 -19.07 -19.06
CA ILE A 126 13.48 -18.93 -19.01
C ILE A 126 12.93 -19.86 -17.94
N VAL A 127 11.79 -19.49 -17.35
CA VAL A 127 11.10 -20.33 -16.37
C VAL A 127 9.74 -20.71 -16.93
N ILE A 128 9.39 -21.99 -16.75
CA ILE A 128 8.17 -22.61 -17.25
C ILE A 128 7.38 -23.07 -16.03
N ASP A 129 6.26 -22.41 -15.73
CA ASP A 129 5.35 -22.89 -14.71
C ASP A 129 4.24 -23.67 -15.39
N LEU A 130 3.90 -24.82 -14.83
CA LEU A 130 2.92 -25.71 -15.44
C LEU A 130 1.83 -25.99 -14.42
N GLU A 131 0.63 -25.48 -14.69
CA GLU A 131 -0.51 -25.67 -13.81
C GLU A 131 -1.51 -26.62 -14.47
N PRO A 132 -1.87 -27.73 -13.82
CA PRO A 132 -2.86 -28.62 -14.42
C PRO A 132 -4.20 -27.91 -14.58
N ALA A 133 -4.87 -28.22 -15.68
CA ALA A 133 -6.21 -27.71 -15.91
C ALA A 133 -7.21 -28.57 -15.17
N ARG A 134 -8.37 -27.98 -14.86
CA ARG A 134 -9.44 -28.72 -14.21
C ARG A 134 -10.07 -29.71 -15.18
N THR A 135 -10.71 -30.73 -14.63
CA THR A 135 -11.35 -31.77 -15.45
C THR A 135 -12.82 -31.45 -15.72
N ALA A 139 -13.02 -28.92 -20.78
CA ALA A 139 -14.22 -29.26 -21.54
C ALA A 139 -15.47 -28.88 -20.75
N LEU A 140 -15.59 -29.43 -19.54
CA LEU A 140 -16.79 -29.23 -18.74
C LEU A 140 -16.79 -27.87 -18.04
N SER A 141 -15.64 -27.43 -17.52
CA SER A 141 -15.61 -26.14 -16.82
C SER A 141 -14.84 -25.06 -17.58
N ILE A 142 -14.30 -25.35 -18.77
CA ILE A 142 -13.83 -24.23 -19.59
C ILE A 142 -15.02 -23.44 -20.15
N ALA A 143 -16.16 -24.12 -20.30
CA ALA A 143 -17.41 -23.43 -20.64
C ALA A 143 -17.81 -22.42 -19.56
N GLY A 144 -17.32 -22.58 -18.34
CA GLY A 144 -17.59 -21.60 -17.30
C GLY A 144 -16.40 -20.69 -17.09
N ALA A 145 -15.24 -21.16 -17.52
CA ALA A 145 -14.04 -20.33 -17.50
C ALA A 145 -14.21 -19.12 -18.41
N VAL A 146 -14.69 -19.35 -19.63
CA VAL A 146 -14.96 -18.23 -20.52
C VAL A 146 -16.12 -17.39 -19.95
N GLN A 147 -17.10 -18.04 -19.31
CA GLN A 147 -18.19 -17.30 -18.71
C GLN A 147 -17.67 -16.26 -17.71
N SER A 148 -16.73 -16.65 -16.86
CA SER A 148 -16.23 -15.63 -15.97
C SER A 148 -15.23 -14.68 -16.65
N GLN A 149 -14.66 -15.03 -17.80
CA GLN A 149 -13.84 -14.02 -18.49
C GLN A 149 -14.71 -12.91 -19.09
N LYS A 150 -15.84 -13.29 -19.68
CA LYS A 150 -16.75 -12.23 -20.10
C LYS A 150 -17.29 -11.46 -18.88
N LEU A 151 -17.55 -12.13 -17.77
CA LEU A 151 -17.88 -11.36 -16.57
C LEU A 151 -16.76 -10.37 -16.22
N ALA A 152 -15.50 -10.71 -16.51
CA ALA A 152 -14.40 -9.82 -16.18
C ALA A 152 -14.41 -8.56 -17.04
N VAL A 153 -14.62 -8.70 -18.37
CA VAL A 153 -14.73 -7.47 -19.17
C VAL A 153 -15.92 -6.64 -18.69
N ARG A 154 -17.08 -7.29 -18.48
CA ARG A 154 -18.24 -6.54 -18.00
C ARG A 154 -17.89 -5.76 -16.75
N ALA A 155 -17.08 -6.37 -15.88
CA ALA A 155 -16.70 -5.72 -14.62
C ALA A 155 -15.74 -4.55 -14.85
N ILE A 156 -14.77 -4.70 -15.74
CA ILE A 156 -13.87 -3.59 -16.05
C ILE A 156 -14.64 -2.42 -16.65
N SER A 157 -15.58 -2.71 -17.54
CA SER A 157 -16.36 -1.61 -18.10
C SER A 157 -17.26 -0.98 -17.03
N GLN A 158 -17.88 -1.80 -16.18
CA GLN A 158 -18.64 -1.23 -15.06
C GLN A 158 -17.77 -0.30 -14.23
N LEU A 159 -16.51 -0.70 -14.01
CA LEU A 159 -15.58 0.11 -13.20
C LEU A 159 -15.26 1.43 -13.89
N GLN A 160 -15.14 1.43 -15.22
CA GLN A 160 -14.85 2.68 -15.92
C GLN A 160 -16.07 3.57 -16.06
N SER A 161 -17.28 2.98 -16.07
CA SER A 161 -18.52 3.73 -16.14
C SER A 161 -18.89 4.30 -14.77
N LEU A 162 -17.94 4.96 -14.12
CA LEU A 162 -18.14 5.40 -12.74
C LEU A 162 -17.86 6.89 -12.61
N PRO A 163 -18.81 7.68 -12.11
CA PRO A 163 -18.52 9.08 -11.84
C PRO A 163 -17.52 9.17 -10.70
N GLY A 164 -16.44 9.89 -10.94
CA GLY A 164 -15.40 10.00 -9.92
C GLY A 164 -15.86 10.62 -8.62
N GLY A 165 -14.89 10.83 -7.72
CA GLY A 165 -15.16 11.44 -6.43
C GLY A 165 -15.89 10.58 -5.44
N ASP A 166 -15.56 9.28 -5.35
CA ASP A 166 -16.16 8.40 -4.36
C ASP A 166 -15.36 7.12 -4.14
N VAL A 167 -14.21 7.21 -3.44
CA VAL A 167 -13.32 6.07 -3.31
C VAL A 167 -13.98 4.91 -2.55
N LYS A 168 -14.87 5.23 -1.62
CA LYS A 168 -15.59 4.15 -0.95
C LYS A 168 -16.36 3.33 -1.97
N LEU A 169 -17.13 3.98 -2.84
CA LEU A 169 -17.86 3.26 -3.87
C LEU A 169 -16.93 2.48 -4.76
N LEU A 170 -15.75 3.04 -5.07
CA LEU A 170 -14.79 2.33 -5.91
C LEU A 170 -14.40 1.00 -5.28
N CYS A 171 -13.87 1.05 -4.06
CA CYS A 171 -13.42 -0.18 -3.41
C CYS A 171 -14.58 -1.14 -3.20
N ASP A 172 -15.77 -0.64 -2.89
CA ASP A 172 -16.92 -1.52 -2.72
C ASP A 172 -17.21 -2.30 -4.00
N THR A 173 -17.31 -1.60 -5.14
CA THR A 173 -17.63 -2.31 -6.38
C THR A 173 -16.50 -3.25 -6.79
N VAL A 174 -15.24 -2.84 -6.53
CA VAL A 174 -14.12 -3.73 -6.77
C VAL A 174 -14.27 -5.04 -5.98
N VAL A 175 -14.49 -4.97 -4.66
CA VAL A 175 -14.55 -6.23 -3.93
C VAL A 175 -15.75 -7.05 -4.38
N GLU A 176 -16.91 -6.41 -4.58
CA GLU A 176 -18.08 -7.19 -4.96
C GLU A 176 -17.81 -7.98 -6.23
N SER A 177 -17.18 -7.34 -7.22
CA SER A 177 -17.01 -8.05 -8.48
C SER A 177 -15.81 -9.01 -8.45
N VAL A 178 -14.78 -8.72 -7.65
CA VAL A 178 -13.72 -9.72 -7.48
C VAL A 178 -14.26 -10.97 -6.78
N ARG A 179 -15.08 -10.79 -5.73
CA ARG A 179 -15.67 -11.95 -5.07
C ARG A 179 -16.54 -12.72 -6.06
N GLU A 180 -17.42 -12.04 -6.81
CA GLU A 180 -18.28 -12.76 -7.75
C GLU A 180 -17.51 -13.38 -8.90
N LEU A 181 -16.28 -12.90 -9.13
CA LEU A 181 -15.41 -13.47 -10.15
C LEU A 181 -14.73 -14.74 -9.68
N THR A 182 -14.17 -14.71 -8.46
CA THR A 182 -13.26 -15.74 -7.99
C THR A 182 -13.88 -16.74 -7.05
N GLY A 183 -14.97 -16.39 -6.38
CA GLY A 183 -15.58 -17.29 -5.42
C GLY A 183 -14.93 -17.35 -4.05
N TYR A 184 -13.83 -16.62 -3.81
CA TYR A 184 -13.20 -16.60 -2.50
C TYR A 184 -14.17 -16.13 -1.42
N ASP A 185 -14.03 -16.68 -0.20
CA ASP A 185 -14.98 -16.40 0.90
C ASP A 185 -14.84 -15.00 1.44
N ARG A 186 -13.63 -14.42 1.38
CA ARG A 186 -13.39 -13.10 1.91
C ARG A 186 -12.54 -12.34 0.90
N VAL A 187 -13.01 -11.20 0.43
CA VAL A 187 -12.16 -10.35 -0.39
C VAL A 187 -12.27 -8.93 0.14
N MET A 188 -11.13 -8.25 0.23
CA MET A 188 -11.14 -6.89 0.75
C MET A 188 -10.08 -6.07 0.03
N VAL A 189 -10.20 -4.75 0.19
CA VAL A 189 -9.14 -3.82 -0.16
C VAL A 189 -8.44 -3.41 1.11
N TYR A 190 -7.11 -3.37 1.07
CA TYR A 190 -6.25 -3.12 2.21
C TYR A 190 -5.36 -1.93 1.85
N ARG A 191 -5.73 -0.69 2.25
CA ARG A 191 -4.97 0.51 1.87
C ARG A 191 -3.76 0.68 2.78
N PHE A 192 -2.66 1.22 2.22
CA PHE A 192 -1.50 1.55 3.05
C PHE A 192 -1.58 3.00 3.51
N HIS A 193 -1.23 3.25 4.76
CA HIS A 193 -1.16 4.61 5.27
C HIS A 193 0.27 5.12 5.07
N GLU A 194 0.50 6.41 5.30
CA GLU A 194 1.86 6.87 5.08
C GLU A 194 2.89 6.08 5.87
N ASP A 195 2.49 5.46 6.99
CA ASP A 195 3.30 4.54 7.79
C ASP A 195 3.72 3.29 7.04
N GLU A 196 3.06 3.01 5.92
CA GLU A 196 3.04 1.70 5.28
C GLU A 196 2.42 0.63 6.18
N HIS A 197 1.73 1.05 7.25
CA HIS A 197 0.83 0.18 7.99
C HIS A 197 -0.53 0.23 7.34
N GLY A 198 -1.24 -0.89 7.38
CA GLY A 198 -2.42 -0.97 6.54
C GLY A 198 -3.77 -1.06 7.22
N GLU A 199 -4.82 -0.83 6.44
CA GLU A 199 -6.19 -0.83 6.95
C GLU A 199 -7.12 -1.50 5.96
N VAL A 200 -7.94 -2.45 6.43
CA VAL A 200 -9.00 -3.00 5.59
C VAL A 200 -10.05 -1.92 5.39
N VAL A 201 -10.18 -1.41 4.16
CA VAL A 201 -11.05 -0.26 3.88
C VAL A 201 -12.35 -0.62 3.17
N ALA A 202 -12.48 -1.83 2.65
CA ALA A 202 -13.77 -2.28 2.18
C ALA A 202 -13.70 -3.78 2.10
N GLU A 203 -14.83 -4.44 2.34
CA GLU A 203 -14.82 -5.88 2.35
C GLU A 203 -16.23 -6.36 2.10
N THR A 204 -16.28 -7.52 1.48
CA THR A 204 -17.48 -8.31 1.27
C THR A 204 -17.05 -9.74 1.57
N LYS A 205 -17.91 -10.50 2.23
CA LYS A 205 -17.47 -11.77 2.76
C LYS A 205 -18.65 -12.74 2.78
N ARG A 206 -18.34 -14.02 2.71
CA ARG A 206 -19.26 -15.04 3.18
C ARG A 206 -19.81 -14.62 4.55
N PRO A 207 -21.12 -14.65 4.76
CA PRO A 207 -21.69 -13.92 5.91
C PRO A 207 -21.30 -14.48 7.28
N ASP A 208 -21.05 -15.78 7.40
CA ASP A 208 -20.77 -16.33 8.73
C ASP A 208 -19.44 -15.84 9.29
N LEU A 209 -18.47 -15.54 8.42
CA LEU A 209 -17.12 -15.24 8.89
C LEU A 209 -17.08 -13.92 9.66
N GLU A 210 -16.23 -13.86 10.68
CA GLU A 210 -16.05 -12.60 11.38
C GLU A 210 -15.54 -11.55 10.40
N PRO A 211 -15.99 -10.29 10.52
CA PRO A 211 -15.59 -9.27 9.55
C PRO A 211 -14.38 -8.46 9.96
N TYR A 212 -13.38 -8.31 9.08
CA TYR A 212 -12.18 -7.54 9.37
C TYR A 212 -12.25 -6.09 8.92
N ILE A 213 -13.43 -5.54 8.64
CA ILE A 213 -13.50 -4.16 8.21
C ILE A 213 -13.07 -3.23 9.34
N GLY A 214 -12.32 -2.19 8.99
CA GLY A 214 -11.87 -1.21 9.96
C GLY A 214 -10.59 -1.56 10.69
N LEU A 215 -10.09 -2.77 10.53
CA LEU A 215 -8.99 -3.25 11.35
C LEU A 215 -7.66 -2.79 10.77
N HIS A 216 -6.96 -1.93 11.50
CA HIS A 216 -5.61 -1.60 11.09
C HIS A 216 -4.65 -2.72 11.49
N TYR A 217 -3.55 -2.85 10.75
CA TYR A 217 -2.56 -3.87 11.04
C TYR A 217 -1.15 -3.29 11.00
N PRO A 218 -0.20 -3.93 11.67
CA PRO A 218 1.18 -3.39 11.70
C PRO A 218 1.88 -3.49 10.35
N ALA A 219 2.62 -2.43 10.01
CA ALA A 219 3.43 -2.33 8.80
C ALA A 219 4.46 -3.43 8.65
N THR A 220 4.70 -4.22 9.69
CA THR A 220 5.70 -5.28 9.66
C THR A 220 5.12 -6.61 9.20
N ASP A 221 3.79 -6.72 9.12
CA ASP A 221 3.19 -7.94 8.59
C ASP A 221 3.54 -8.15 7.13
N ILE A 222 3.83 -7.06 6.42
CA ILE A 222 4.34 -7.14 5.07
C ILE A 222 5.65 -6.38 5.02
N PRO A 223 6.78 -7.12 4.94
CA PRO A 223 8.08 -6.45 4.96
C PRO A 223 8.27 -5.61 3.71
N GLN A 224 9.04 -4.52 3.86
CA GLN A 224 9.27 -3.65 2.72
C GLN A 224 9.83 -4.42 1.54
N ALA A 225 10.61 -5.47 1.80
CA ALA A 225 11.08 -6.33 0.72
C ALA A 225 9.92 -6.89 -0.08
N SER A 226 8.96 -7.53 0.62
CA SER A 226 7.84 -8.12 -0.08
C SER A 226 6.97 -7.07 -0.78
N ARG A 227 6.96 -5.84 -0.27
CA ARG A 227 6.13 -4.80 -0.86
C ARG A 227 6.74 -4.24 -2.13
N PHE A 228 7.97 -3.73 -2.05
CA PHE A 228 8.67 -3.30 -3.26
C PHE A 228 8.80 -4.43 -4.27
N LEU A 229 8.75 -5.69 -3.81
CA LEU A 229 8.74 -6.80 -4.75
C LEU A 229 7.37 -7.03 -5.37
N PHE A 230 6.28 -6.62 -4.71
CA PHE A 230 4.99 -6.65 -5.41
C PHE A 230 4.94 -5.65 -6.54
N LYS A 231 5.83 -4.64 -6.55
CA LYS A 231 5.81 -3.66 -7.63
C LYS A 231 6.10 -4.33 -8.98
N GLN A 232 6.96 -5.35 -8.99
CA GLN A 232 7.29 -6.02 -10.23
C GLN A 232 6.34 -7.17 -10.53
N ASN A 233 6.01 -7.99 -9.54
CA ASN A 233 5.08 -9.10 -9.72
C ASN A 233 3.80 -8.78 -8.98
N ARG A 234 2.68 -8.83 -9.68
CA ARG A 234 1.49 -8.11 -9.27
C ARG A 234 0.35 -8.98 -8.78
N VAL A 235 0.41 -10.30 -8.95
CA VAL A 235 -0.65 -11.18 -8.45
C VAL A 235 0.00 -12.43 -7.88
N ARG A 236 -0.37 -12.79 -6.65
CA ARG A 236 0.11 -14.03 -6.07
C ARG A 236 -1.05 -14.85 -5.53
N MET A 237 -1.05 -16.12 -5.87
CA MET A 237 -1.96 -17.10 -5.31
C MET A 237 -1.15 -18.05 -4.44
N ILE A 238 -1.73 -18.45 -3.30
CA ILE A 238 -1.27 -19.62 -2.58
C ILE A 238 -2.49 -20.47 -2.29
N VAL A 239 -2.38 -21.76 -2.57
CA VAL A 239 -3.56 -22.60 -2.78
C VAL A 239 -3.83 -23.41 -1.51
N ASP A 240 -2.79 -23.61 -0.69
CA ASP A 240 -2.93 -24.25 0.62
C ASP A 240 -1.65 -24.06 1.44
N CYS A 241 -1.76 -23.45 2.63
CA CYS A 241 -0.57 -23.20 3.43
C CYS A 241 -0.08 -24.44 4.17
N HIS A 242 -0.99 -25.31 4.60
CA HIS A 242 -0.61 -26.52 5.30
C HIS A 242 -0.05 -27.61 4.38
N ALA A 243 0.34 -27.27 3.15
CA ALA A 243 0.84 -28.23 2.17
C ALA A 243 2.36 -28.16 2.08
N SER A 244 2.99 -29.32 2.02
CA SER A 244 4.45 -29.39 2.09
C SER A 244 5.06 -28.93 0.77
N ALA A 245 5.90 -27.89 0.83
CA ALA A 245 6.58 -27.35 -0.34
C ALA A 245 7.54 -28.38 -0.95
N VAL A 246 7.85 -28.17 -2.23
CA VAL A 246 8.71 -29.08 -3.01
C VAL A 246 10.03 -28.38 -3.32
N ARG A 247 11.13 -29.13 -3.24
CA ARG A 247 12.46 -28.58 -3.41
C ARG A 247 12.81 -28.42 -4.89
N VAL A 248 13.75 -27.51 -5.16
CA VAL A 248 14.28 -27.38 -6.50
C VAL A 248 15.38 -28.42 -6.70
N VAL A 249 15.58 -28.79 -7.94
CA VAL A 249 16.84 -29.39 -8.37
C VAL A 249 17.58 -28.29 -9.10
N GLN A 250 18.82 -28.07 -8.71
CA GLN A 250 19.72 -27.21 -9.44
C GLN A 250 20.98 -28.02 -9.65
N ASP A 251 21.50 -28.03 -10.87
CA ASP A 251 22.82 -28.64 -10.99
C ASP A 251 23.80 -27.78 -10.20
N GLU A 252 24.90 -28.36 -9.75
CA GLU A 252 25.67 -27.56 -8.80
C GLU A 252 26.58 -26.58 -9.52
N ALA A 253 26.76 -26.74 -10.85
CA ALA A 253 27.59 -25.78 -11.58
C ALA A 253 27.03 -24.37 -11.51
N LEU A 254 25.70 -24.21 -11.50
CA LEU A 254 25.13 -22.87 -11.52
C LEU A 254 25.51 -22.10 -10.27
N VAL A 255 25.56 -20.77 -10.42
CA VAL A 255 26.12 -19.89 -9.40
C VAL A 255 25.42 -20.09 -8.06
N GLN A 256 24.10 -20.00 -8.05
CA GLN A 256 23.32 -19.99 -6.82
C GLN A 256 21.89 -20.36 -7.16
N PRO A 257 21.03 -20.57 -6.15
CA PRO A 257 19.60 -20.68 -6.44
C PRO A 257 19.11 -19.45 -7.20
N LEU A 258 18.38 -19.70 -8.28
CA LEU A 258 18.11 -18.61 -9.21
C LEU A 258 16.93 -17.77 -8.74
N CYS A 259 16.59 -16.76 -9.52
CA CYS A 259 15.43 -15.94 -9.24
C CYS A 259 14.16 -16.75 -9.50
N LEU A 260 13.34 -16.93 -8.45
CA LEU A 260 12.00 -17.51 -8.59
C LEU A 260 10.92 -16.49 -8.25
N VAL A 261 11.28 -15.21 -8.24
CA VAL A 261 10.30 -14.14 -8.03
C VAL A 261 9.17 -14.26 -9.05
N GLY A 262 9.51 -14.43 -10.33
CA GLY A 262 8.54 -14.34 -11.42
C GLY A 262 7.55 -15.50 -11.50
N SER A 263 7.77 -16.58 -10.76
CA SER A 263 7.03 -17.82 -10.96
C SER A 263 5.65 -17.76 -10.29
N THR A 264 4.62 -18.15 -11.03
CA THR A 264 3.25 -18.12 -10.50
C THR A 264 3.13 -18.98 -9.25
N LEU A 265 3.79 -20.13 -9.24
CA LEU A 265 3.63 -21.10 -8.16
C LEU A 265 4.82 -21.07 -7.20
N ARG A 266 5.36 -19.88 -6.95
CA ARG A 266 6.35 -19.72 -5.90
C ARG A 266 5.79 -20.23 -4.58
N ALA A 267 6.72 -20.71 -3.69
CA ALA A 267 6.38 -21.09 -2.33
C ALA A 267 6.49 -19.89 -1.39
N PRO A 268 5.70 -19.87 -0.33
CA PRO A 268 5.74 -18.73 0.61
C PRO A 268 6.69 -18.93 1.78
N HIS A 269 7.22 -17.80 2.25
CA HIS A 269 8.06 -17.79 3.44
C HIS A 269 7.31 -18.39 4.62
N GLY A 270 8.04 -19.03 5.54
CA GLY A 270 7.40 -19.77 6.61
C GLY A 270 6.61 -18.89 7.55
N CYS A 271 7.12 -17.69 7.83
CA CYS A 271 6.42 -16.77 8.72
C CYS A 271 5.02 -16.46 8.19
N HIS A 272 4.92 -16.20 6.87
CA HIS A 272 3.62 -15.86 6.32
C HIS A 272 2.71 -17.09 6.22
N ALA A 273 3.29 -18.28 6.06
CA ALA A 273 2.47 -19.50 6.07
C ALA A 273 1.77 -19.69 7.41
N GLN A 274 2.53 -19.60 8.52
CA GLN A 274 1.87 -19.75 9.82
C GLN A 274 0.98 -18.54 10.14
N TYR A 275 1.32 -17.35 9.63
CA TYR A 275 0.44 -16.19 9.72
C TYR A 275 -0.93 -16.48 9.12
N MET A 276 -0.93 -17.08 7.94
CA MET A 276 -2.18 -17.51 7.36
C MET A 276 -2.89 -18.49 8.29
N ALA A 277 -2.20 -19.58 8.63
CA ALA A 277 -2.80 -20.62 9.45
C ALA A 277 -3.44 -20.04 10.70
N ASN A 278 -2.77 -19.08 11.34
CA ASN A 278 -3.32 -18.48 12.54
C ASN A 278 -4.51 -17.58 12.23
N MET A 279 -4.50 -16.94 11.06
CA MET A 279 -5.62 -16.06 10.73
C MET A 279 -6.86 -16.83 10.30
N GLY A 280 -6.71 -18.09 9.94
CA GLY A 280 -7.84 -18.85 9.45
C GLY A 280 -8.00 -18.79 7.96
N SER A 281 -7.00 -18.28 7.25
CA SER A 281 -7.04 -18.20 5.79
C SER A 281 -6.25 -19.38 5.25
N THR A 282 -6.94 -20.38 4.71
CA THR A 282 -6.24 -21.54 4.16
C THR A 282 -5.55 -21.20 2.86
N ALA A 283 -6.29 -20.59 1.92
CA ALA A 283 -5.79 -20.20 0.62
C ALA A 283 -6.11 -18.75 0.38
N SER A 284 -5.27 -18.11 -0.43
CA SER A 284 -5.42 -16.68 -0.62
C SER A 284 -4.99 -16.29 -2.03
N LEU A 285 -5.66 -15.28 -2.56
CA LEU A 285 -5.27 -14.59 -3.79
C LEU A 285 -5.12 -13.12 -3.43
N VAL A 286 -3.97 -12.53 -3.74
CA VAL A 286 -3.71 -11.16 -3.33
C VAL A 286 -2.92 -10.46 -4.42
N MET A 287 -3.38 -9.26 -4.76
CA MET A 287 -3.03 -8.59 -6.01
C MET A 287 -2.71 -7.14 -5.74
N ALA A 288 -1.63 -6.67 -6.37
CA ALA A 288 -1.17 -5.30 -6.16
C ALA A 288 -2.18 -4.29 -6.68
N VAL A 289 -2.13 -3.09 -6.11
CA VAL A 289 -2.85 -1.93 -6.61
C VAL A 289 -1.83 -0.82 -6.72
N ILE A 290 -1.57 -0.37 -7.95
CA ILE A 290 -0.37 0.39 -8.27
C ILE A 290 -0.77 1.73 -8.89
N ILE A 291 0.10 2.74 -8.73
CA ILE A 291 -0.06 4.04 -9.39
C ILE A 291 1.31 4.52 -9.85
N ASN A 292 1.32 5.39 -10.87
CA ASN A 292 2.53 5.79 -11.59
C ASN A 292 2.68 7.31 -11.55
N GLY A 293 3.80 7.77 -10.96
CA GLY A 293 4.15 9.18 -10.97
C GLY A 293 5.03 9.60 -12.12
N SER A 304 9.38 4.51 -10.90
CA SER A 304 8.62 5.69 -10.50
C SER A 304 7.14 5.33 -10.37
N MET A 305 6.90 4.14 -9.84
CA MET A 305 5.57 3.63 -9.53
C MET A 305 5.54 3.22 -8.05
N ARG A 306 4.44 3.54 -7.35
CA ARG A 306 4.33 3.11 -5.95
C ARG A 306 3.01 2.40 -5.66
N LEU A 307 3.02 1.71 -4.51
CA LEU A 307 2.06 0.67 -4.16
C LEU A 307 1.03 1.23 -3.18
N TRP A 308 -0.22 1.39 -3.66
CA TRP A 308 -1.27 2.10 -2.92
C TRP A 308 -1.91 1.21 -1.87
N GLY A 309 -2.17 -0.03 -2.25
CA GLY A 309 -2.86 -0.98 -1.39
C GLY A 309 -2.84 -2.32 -2.06
N LEU A 310 -3.50 -3.28 -1.43
CA LEU A 310 -3.65 -4.59 -2.02
C LEU A 310 -5.13 -4.93 -2.08
N VAL A 311 -5.43 -5.89 -2.92
CA VAL A 311 -6.70 -6.60 -2.88
C VAL A 311 -6.36 -7.99 -2.41
N VAL A 312 -6.99 -8.42 -1.32
CA VAL A 312 -6.60 -9.69 -0.75
C VAL A 312 -7.83 -10.57 -0.55
N CYS A 313 -7.69 -11.83 -0.94
CA CYS A 313 -8.77 -12.81 -0.98
C CYS A 313 -8.40 -14.00 -0.12
N HIS A 314 -9.36 -14.49 0.65
CA HIS A 314 -9.19 -15.55 1.62
C HIS A 314 -10.22 -16.62 1.36
N HIS A 315 -9.76 -17.86 1.33
CA HIS A 315 -10.62 -19.03 1.28
C HIS A 315 -10.35 -19.82 2.55
N THR A 316 -11.42 -20.18 3.28
CA THR A 316 -11.23 -21.07 4.43
C THR A 316 -10.85 -22.48 3.97
N SER A 317 -11.06 -22.83 2.72
CA SER A 317 -10.61 -24.10 2.19
C SER A 317 -9.37 -23.86 1.33
N ALA A 318 -8.96 -24.87 0.59
CA ALA A 318 -7.96 -24.67 -0.46
C ALA A 318 -8.66 -24.28 -1.75
N ARG A 319 -8.08 -23.31 -2.47
CA ARG A 319 -8.61 -22.89 -3.78
C ARG A 319 -7.48 -22.64 -4.76
N CYS A 320 -7.66 -23.15 -5.97
CA CYS A 320 -6.76 -22.88 -7.09
C CYS A 320 -7.61 -22.39 -8.24
N ILE A 321 -7.47 -21.11 -8.59
CA ILE A 321 -8.23 -20.54 -9.71
C ILE A 321 -7.32 -20.50 -10.95
N PRO A 322 -7.83 -20.90 -12.11
CA PRO A 322 -6.95 -21.09 -13.27
C PRO A 322 -6.33 -19.78 -13.74
N PHE A 323 -5.19 -19.91 -14.39
CA PHE A 323 -4.41 -18.75 -14.80
C PHE A 323 -5.17 -17.74 -15.67
N PRO A 324 -6.07 -18.13 -16.56
CA PRO A 324 -6.88 -17.10 -17.24
C PRO A 324 -7.60 -16.15 -16.29
N LEU A 325 -8.37 -16.67 -15.33
CA LEU A 325 -9.02 -15.80 -14.37
C LEU A 325 -8.03 -14.87 -13.69
N ARG A 326 -6.87 -15.42 -13.32
CA ARG A 326 -5.83 -14.61 -12.69
C ARG A 326 -5.45 -13.43 -13.58
N TYR A 327 -5.12 -13.71 -14.85
CA TYR A 327 -4.70 -12.66 -15.78
C TYR A 327 -5.79 -11.59 -15.93
N ALA A 328 -7.04 -12.03 -16.16
CA ALA A 328 -8.14 -11.08 -16.27
C ALA A 328 -8.24 -10.18 -15.05
N CYS A 329 -8.28 -10.76 -13.84
CA CYS A 329 -8.30 -9.91 -12.64
C CYS A 329 -7.10 -8.98 -12.58
N GLU A 330 -5.94 -9.39 -13.09
CA GLU A 330 -4.82 -8.45 -13.04
C GLU A 330 -5.13 -7.23 -13.88
N PHE A 331 -5.83 -7.42 -15.00
CA PHE A 331 -6.31 -6.27 -15.77
C PHE A 331 -7.31 -5.45 -14.95
N LEU A 332 -8.18 -6.13 -14.20
CA LEU A 332 -9.14 -5.39 -13.38
C LEU A 332 -8.45 -4.56 -12.30
N MET A 333 -7.34 -5.08 -11.76
CA MET A 333 -6.51 -4.33 -10.82
C MET A 333 -5.87 -3.13 -11.49
N GLN A 334 -5.42 -3.29 -12.73
CA GLN A 334 -4.91 -2.13 -13.47
C GLN A 334 -5.97 -1.04 -13.57
N ALA A 335 -7.20 -1.42 -13.90
CA ALA A 335 -8.28 -0.43 -14.01
C ALA A 335 -8.59 0.21 -12.65
N PHE A 336 -8.58 -0.59 -11.59
CA PHE A 336 -8.64 -0.04 -10.23
C PHE A 336 -7.61 1.06 -10.06
N GLY A 337 -6.33 0.72 -10.30
CA GLY A 337 -5.26 1.67 -10.08
C GLY A 337 -5.45 2.95 -10.85
N LEU A 338 -5.96 2.84 -12.08
CA LEU A 338 -6.07 4.05 -12.89
C LEU A 338 -7.27 4.91 -12.49
N GLN A 339 -8.40 4.30 -12.11
CA GLN A 339 -9.47 5.16 -11.60
C GLN A 339 -9.05 5.81 -10.27
N LEU A 340 -8.19 5.13 -9.51
CA LEU A 340 -7.65 5.78 -8.32
C LEU A 340 -6.73 6.92 -8.70
N ASN A 341 -5.94 6.76 -9.77
CA ASN A 341 -5.06 7.85 -10.17
C ASN A 341 -5.89 9.06 -10.59
N MET A 342 -7.07 8.83 -11.16
CA MET A 342 -7.94 9.96 -11.49
C MET A 342 -8.43 10.66 -10.22
N GLU A 343 -8.82 9.89 -9.20
CA GLU A 343 -9.22 10.48 -7.92
C GLU A 343 -8.09 11.31 -7.31
N LEU A 344 -6.86 10.79 -7.35
CA LEU A 344 -5.70 11.53 -6.89
C LEU A 344 -5.52 12.81 -7.66
N GLN A 345 -5.59 12.72 -8.99
CA GLN A 345 -5.42 13.88 -9.83
C GLN A 345 -6.35 14.99 -9.38
N LEU A 346 -7.62 14.67 -9.15
CA LEU A 346 -8.54 15.77 -8.88
C LEU A 346 -8.41 16.25 -7.44
N ALA A 347 -7.99 15.37 -6.52
CA ALA A 347 -7.51 15.84 -5.22
C ALA A 347 -6.51 16.97 -5.41
N ALA A 348 -5.47 16.73 -6.23
CA ALA A 348 -4.40 17.70 -6.36
C ALA A 348 -4.89 18.98 -7.03
N GLN A 349 -5.77 18.83 -8.02
CA GLN A 349 -6.38 19.99 -8.66
C GLN A 349 -7.05 20.89 -7.64
N SER A 350 -8.01 20.32 -6.89
CA SER A 350 -8.76 21.14 -5.94
C SER A 350 -7.84 21.71 -4.85
N LEU A 351 -6.80 20.97 -4.46
CA LEU A 351 -5.85 21.52 -3.51
C LEU A 351 -5.19 22.78 -4.07
N GLU A 352 -4.61 22.69 -5.27
CA GLU A 352 -3.97 23.90 -5.77
C GLU A 352 -4.99 25.01 -6.00
N LYS A 353 -6.25 24.66 -6.28
CA LYS A 353 -7.29 25.67 -6.37
C LYS A 353 -7.48 26.40 -5.04
N ARG A 354 -7.38 25.72 -3.90
CA ARG A 354 -7.52 26.47 -2.67
C ARG A 354 -6.21 27.13 -2.22
N VAL A 355 -5.08 26.62 -2.69
CA VAL A 355 -3.84 27.36 -2.53
C VAL A 355 -4.00 28.75 -3.13
N LEU A 356 -4.56 28.81 -4.35
CA LEU A 356 -4.82 30.07 -5.04
C LEU A 356 -5.60 31.06 -4.16
N ARG A 357 -6.63 30.59 -3.47
CA ARG A 357 -7.37 31.53 -2.65
C ARG A 357 -6.58 31.96 -1.42
N THR A 358 -5.78 31.07 -0.83
CA THR A 358 -5.01 31.63 0.28
C THR A 358 -3.98 32.64 -0.20
N GLN A 359 -3.72 32.70 -1.49
CA GLN A 359 -2.76 33.71 -1.97
C GLN A 359 -3.47 35.03 -2.34
N THR A 360 -4.71 34.93 -2.83
CA THR A 360 -5.60 36.09 -2.82
C THR A 360 -5.60 36.68 -1.41
N LEU A 361 -5.73 35.80 -0.41
CA LEU A 361 -5.79 36.25 0.97
C LEU A 361 -4.45 36.83 1.44
N LEU A 362 -3.35 36.22 1.05
CA LEU A 362 -2.05 36.78 1.41
C LEU A 362 -1.90 38.21 0.89
N CYS A 363 -2.19 38.43 -0.40
CA CYS A 363 -2.23 39.81 -0.89
C CYS A 363 -3.13 40.67 -0.02
N ASP A 364 -4.39 40.23 0.18
CA ASP A 364 -5.38 41.03 0.91
C ASP A 364 -4.82 41.49 2.24
N MET A 365 -4.01 40.65 2.87
CA MET A 365 -3.55 41.04 4.20
C MET A 365 -2.29 41.87 4.13
N LEU A 366 -1.50 41.73 3.06
CA LEU A 366 -0.38 42.64 2.88
C LEU A 366 -0.86 44.07 2.77
N LEU A 367 -2.18 44.26 2.61
CA LEU A 367 -2.78 45.55 2.37
C LEU A 367 -3.37 46.17 3.61
N ARG A 368 -3.66 45.37 4.63
CA ARG A 368 -4.04 45.94 5.91
C ARG A 368 -2.89 46.81 6.40
N ASP A 369 -3.24 47.88 7.11
CA ASP A 369 -2.24 48.90 7.46
C ASP A 369 -1.40 48.47 8.65
N SER A 370 -2.01 47.80 9.64
CA SER A 370 -1.42 47.50 10.93
C SER A 370 -1.46 46.00 11.19
N PRO A 371 -0.46 45.46 11.89
CA PRO A 371 -0.48 44.01 12.20
C PRO A 371 -1.76 43.52 12.85
N THR A 372 -2.40 44.33 13.69
CA THR A 372 -3.61 43.88 14.38
C THR A 372 -4.74 43.54 13.41
N GLY A 373 -4.71 44.10 12.19
CA GLY A 373 -5.74 43.84 11.20
C GLY A 373 -5.76 42.42 10.67
N ILE A 374 -4.63 41.74 10.77
CA ILE A 374 -4.55 40.30 10.57
C ILE A 374 -5.66 39.58 11.32
N VAL A 375 -6.09 40.13 12.45
CA VAL A 375 -7.14 39.58 13.29
C VAL A 375 -8.38 40.46 13.25
N THR A 376 -8.19 41.76 12.97
CA THR A 376 -9.29 42.72 13.02
C THR A 376 -10.33 42.50 11.94
N GLN A 377 -9.93 42.59 10.66
CA GLN A 377 -10.90 42.72 9.57
C GLN A 377 -11.25 41.36 8.97
N SER A 378 -12.28 41.38 8.10
CA SER A 378 -13.14 40.25 7.74
C SER A 378 -12.39 38.94 7.57
N PRO A 379 -11.43 38.80 6.62
CA PRO A 379 -10.76 37.50 6.50
C PRO A 379 -9.49 37.43 7.33
N SER A 380 -9.57 36.79 8.50
CA SER A 380 -8.51 36.83 9.49
C SER A 380 -7.59 35.63 9.36
N ILE A 381 -6.59 35.55 10.25
CA ILE A 381 -5.70 34.39 10.25
C ILE A 381 -6.37 33.12 10.70
N MET A 382 -7.59 33.18 11.21
CA MET A 382 -8.30 31.95 11.46
C MET A 382 -8.97 31.38 10.23
N ASP A 383 -8.77 32.02 9.07
CA ASP A 383 -9.22 31.49 7.80
C ASP A 383 -8.07 31.13 6.88
N LEU A 384 -6.84 31.50 7.26
CA LEU A 384 -5.67 31.05 6.51
C LEU A 384 -5.63 29.53 6.42
N VAL A 385 -5.94 28.86 7.52
CA VAL A 385 -5.72 27.45 7.70
C VAL A 385 -6.87 26.91 8.55
N LYS A 386 -7.28 25.66 8.30
CA LYS A 386 -8.32 25.02 9.10
C LYS A 386 -8.00 25.12 10.58
N CYS A 387 -8.82 25.85 11.34
CA CYS A 387 -8.48 26.23 12.70
C CYS A 387 -9.61 25.94 13.67
N ASP A 388 -9.23 25.69 14.92
CA ASP A 388 -10.12 25.87 16.06
C ASP A 388 -9.93 27.24 16.71
N GLY A 389 -8.71 27.76 16.68
CA GLY A 389 -8.47 29.13 17.13
C GLY A 389 -7.12 29.59 16.63
N ALA A 390 -6.83 30.86 16.88
CA ALA A 390 -5.59 31.47 16.42
C ALA A 390 -5.37 32.77 17.19
N ALA A 391 -4.15 33.28 17.10
CA ALA A 391 -3.80 34.45 17.90
C ALA A 391 -2.51 35.08 17.38
N LEU A 392 -2.38 36.37 17.67
CA LEU A 392 -1.17 37.13 17.41
C LEU A 392 -0.75 37.80 18.71
N TYR A 393 0.53 37.69 19.06
CA TYR A 393 1.05 38.50 20.14
C TYR A 393 2.18 39.35 19.59
N TYR A 394 2.01 40.67 19.74
CA TYR A 394 2.88 41.67 19.15
C TYR A 394 2.98 42.79 20.16
N GLN A 395 4.16 42.96 20.76
CA GLN A 395 4.40 44.08 21.66
C GLN A 395 3.55 44.05 22.93
N GLY A 396 3.67 43.02 23.76
CA GLY A 396 3.07 43.13 25.07
C GLY A 396 1.55 43.20 25.14
N ASN A 397 0.84 42.99 24.02
CA ASN A 397 -0.62 42.95 24.04
C ASN A 397 -1.12 41.72 23.28
N TYR A 398 -2.28 41.17 23.72
CA TYR A 398 -2.77 39.87 23.25
C TYR A 398 -3.97 40.03 22.33
N TYR A 399 -3.86 39.47 21.12
CA TYR A 399 -4.93 39.57 20.13
C TYR A 399 -5.35 38.17 19.69
N PRO A 400 -6.31 37.54 20.39
CA PRO A 400 -6.72 36.18 20.04
C PRO A 400 -8.12 36.07 19.49
N LEU A 401 -8.41 34.93 18.86
CA LEU A 401 -9.69 34.64 18.24
C LEU A 401 -9.87 33.12 18.25
N GLY A 402 -11.10 32.67 18.39
CA GLY A 402 -11.34 31.24 18.52
C GLY A 402 -11.03 30.73 19.92
N VAL A 403 -10.79 29.42 20.01
CA VAL A 403 -10.41 28.82 21.29
C VAL A 403 -8.90 28.94 21.46
N THR A 404 -8.49 29.60 22.53
CA THR A 404 -7.11 30.02 22.74
C THR A 404 -6.74 29.83 24.19
N PRO A 405 -5.44 29.78 24.51
CA PRO A 405 -4.98 29.91 25.90
C PRO A 405 -5.27 31.28 26.52
N THR A 406 -4.90 31.49 27.78
CA THR A 406 -5.06 32.82 28.38
C THR A 406 -3.85 33.69 28.08
N GLU A 407 -3.89 34.93 28.60
CA GLU A 407 -2.70 35.76 28.60
C GLU A 407 -1.57 35.07 29.35
N ALA A 408 -1.82 34.69 30.61
CA ALA A 408 -0.79 33.98 31.39
C ALA A 408 -0.40 32.68 30.71
N GLN A 409 -1.38 31.91 30.22
CA GLN A 409 -1.06 30.68 29.53
C GLN A 409 -0.15 30.94 28.35
N ILE A 410 -0.55 31.89 27.49
CA ILE A 410 0.25 32.22 26.30
C ILE A 410 1.68 32.57 26.69
N ARG A 411 1.85 33.45 27.67
CA ARG A 411 3.21 33.83 28.06
C ARG A 411 3.99 32.65 28.61
N ASP A 412 3.31 31.67 29.23
CA ASP A 412 4.03 30.49 29.67
C ASP A 412 4.46 29.63 28.47
N ILE A 413 3.59 29.51 27.47
CA ILE A 413 3.99 28.76 26.28
C ILE A 413 5.16 29.44 25.59
N ILE A 414 5.19 30.77 25.60
CA ILE A 414 6.32 31.43 24.95
C ILE A 414 7.59 31.30 25.77
N GLU A 415 7.48 31.33 27.10
CA GLU A 415 8.65 31.10 27.94
C GLU A 415 9.24 29.74 27.64
N TRP A 416 8.38 28.73 27.52
CA TRP A 416 8.86 27.40 27.14
C TRP A 416 9.51 27.44 25.76
N LEU A 417 8.84 28.08 24.80
CA LEU A 417 9.30 28.08 23.42
C LEU A 417 10.70 28.65 23.30
N LEU A 418 10.93 29.82 23.91
CA LEU A 418 12.25 30.43 23.80
C LEU A 418 13.29 29.69 24.65
N ALA A 419 12.86 29.13 25.79
CA ALA A 419 13.78 28.38 26.63
C ALA A 419 14.39 27.20 25.86
N PHE A 420 13.59 26.51 25.08
CA PHE A 420 14.04 25.30 24.40
C PHE A 420 14.15 25.43 22.89
N HIS A 421 13.19 26.08 22.24
CA HIS A 421 13.18 26.21 20.78
C HIS A 421 13.53 27.65 20.42
N ARG A 422 14.83 27.93 20.38
CA ARG A 422 15.31 29.25 19.97
C ARG A 422 15.97 29.21 18.61
N ASP A 423 15.90 28.07 17.90
CA ASP A 423 16.73 27.87 16.72
C ASP A 423 15.96 27.29 15.54
N SER A 424 14.65 27.51 15.43
CA SER A 424 13.89 26.75 14.44
C SER A 424 12.81 27.53 13.71
N THR A 425 12.73 28.86 13.84
CA THR A 425 11.79 29.67 13.05
C THR A 425 10.34 29.21 13.17
N GLY A 426 9.96 28.69 14.34
CA GLY A 426 8.61 28.19 14.61
C GLY A 426 8.55 26.68 14.71
N LEU A 427 7.36 26.16 15.02
CA LEU A 427 7.19 24.71 14.98
C LEU A 427 5.71 24.32 14.97
N SER A 428 5.47 23.03 14.74
CA SER A 428 4.12 22.50 14.59
C SER A 428 4.02 21.10 15.18
N THR A 429 2.94 20.85 15.94
CA THR A 429 2.72 19.57 16.58
C THR A 429 1.22 19.37 16.77
N ASP A 430 0.81 18.10 16.85
CA ASP A 430 -0.59 17.75 17.10
C ASP A 430 -0.87 17.36 18.54
N SER A 431 0.15 17.27 19.39
CA SER A 431 -0.08 17.08 20.82
C SER A 431 1.08 17.77 21.54
N LEU A 432 0.81 18.95 22.08
CA LEU A 432 1.79 19.66 22.88
C LEU A 432 2.35 18.77 23.99
N ALA A 433 1.54 17.84 24.48
CA ALA A 433 2.04 16.83 25.38
C ALA A 433 3.15 16.09 24.65
N ASP A 434 2.78 15.24 23.68
CA ASP A 434 3.78 14.45 22.95
C ASP A 434 4.96 15.30 22.51
N ALA A 435 4.72 16.59 22.22
CA ALA A 435 5.80 17.47 21.79
C ALA A 435 6.84 17.65 22.89
N GLY A 436 6.40 17.76 24.13
CA GLY A 436 7.31 17.99 25.24
C GLY A 436 7.05 19.25 26.04
N TYR A 437 6.01 20.02 25.72
CA TYR A 437 5.70 21.21 26.50
C TYR A 437 4.93 20.83 27.77
N PRO A 438 5.49 21.02 28.95
CA PRO A 438 4.72 20.73 30.17
C PRO A 438 3.86 21.90 30.61
N GLY A 439 2.66 21.58 31.06
CA GLY A 439 1.80 22.60 31.65
C GLY A 439 0.46 22.78 30.97
N ALA A 440 0.37 23.72 30.02
CA ALA A 440 -0.89 23.87 29.31
C ALA A 440 -1.22 22.61 28.52
N ALA A 441 -0.25 21.74 28.29
CA ALA A 441 -0.58 20.43 27.77
C ALA A 441 -1.56 19.76 28.71
N SER A 442 -1.28 19.83 30.01
CA SER A 442 -2.22 19.38 31.04
C SER A 442 -3.50 20.22 31.01
N LEU A 443 -3.37 21.53 30.90
CA LEU A 443 -4.51 22.43 30.90
C LEU A 443 -5.15 22.58 29.51
N GLY A 444 -4.92 21.63 28.61
CA GLY A 444 -5.56 21.70 27.32
C GLY A 444 -5.98 20.37 26.73
N ASP A 445 -7.26 20.02 26.88
CA ASP A 445 -7.92 19.11 25.95
C ASP A 445 -8.82 19.85 24.96
N ALA A 446 -9.01 21.16 25.14
CA ALA A 446 -9.60 22.02 24.11
C ALA A 446 -8.55 22.72 23.28
N VAL A 447 -7.28 22.64 23.67
CA VAL A 447 -6.16 23.15 22.90
C VAL A 447 -5.07 22.08 22.98
N CYS A 448 -4.84 21.34 21.89
CA CYS A 448 -3.78 20.33 21.92
C CYS A 448 -2.85 20.34 20.73
N GLY A 449 -3.33 20.70 19.53
CA GLY A 449 -2.47 20.92 18.38
C GLY A 449 -2.12 22.39 18.34
N MET A 450 -0.86 22.66 18.00
CA MET A 450 -0.40 24.03 17.89
C MET A 450 0.62 24.15 16.76
N ALA A 451 0.53 25.26 16.02
CA ALA A 451 1.53 25.69 15.06
C ALA A 451 1.87 27.15 15.32
N VAL A 452 3.15 27.49 15.29
CA VAL A 452 3.59 28.83 15.66
C VAL A 452 4.71 29.28 14.73
N ALA A 453 4.68 30.57 14.39
CA ALA A 453 5.62 31.19 13.47
C ALA A 453 6.33 32.32 14.18
N TYR A 454 7.66 32.21 14.26
CA TYR A 454 8.53 33.28 14.74
C TYR A 454 8.49 34.44 13.76
N ILE A 455 7.99 35.58 14.18
CA ILE A 455 8.16 36.79 13.38
C ILE A 455 9.53 37.36 13.71
N THR A 456 9.69 37.86 14.94
CA THR A 456 11.00 38.16 15.51
C THR A 456 11.11 37.44 16.84
N GLU A 457 12.19 37.68 17.57
CA GLU A 457 12.27 37.12 18.92
C GLU A 457 11.20 37.69 19.82
N LYS A 458 10.62 38.84 19.46
CA LYS A 458 9.75 39.57 20.38
C LYS A 458 8.29 39.13 20.28
N ASP A 459 7.86 38.53 19.17
CA ASP A 459 6.44 38.47 18.85
C ASP A 459 6.13 37.41 17.79
N PHE A 460 4.95 36.78 17.91
CA PHE A 460 4.70 35.52 17.19
C PHE A 460 3.27 35.44 16.66
N LEU A 461 3.08 34.48 15.73
CA LEU A 461 1.77 34.07 15.22
C LEU A 461 1.46 32.64 15.65
N PHE A 462 0.19 32.37 15.99
CA PHE A 462 -0.23 31.13 16.62
C PHE A 462 -1.51 30.59 15.98
N TRP A 463 -1.56 29.29 15.76
CA TRP A 463 -2.79 28.59 15.35
C TRP A 463 -2.94 27.36 16.23
N PHE A 464 -4.15 27.18 16.80
CA PHE A 464 -4.45 26.08 17.70
C PHE A 464 -5.62 25.25 17.18
N ARG A 465 -5.60 23.97 17.56
CA ARG A 465 -6.69 23.05 17.32
C ARG A 465 -6.90 22.21 18.57
N SER A 466 -8.16 21.86 18.82
CA SER A 466 -8.55 21.05 19.97
C SER A 466 -8.26 19.58 19.70
N HIS A 467 -8.30 18.77 20.76
CA HIS A 467 -8.33 17.32 20.58
C HIS A 467 -9.51 16.94 19.71
N THR A 468 -9.37 15.83 19.00
CA THR A 468 -10.55 15.23 18.39
C THR A 468 -10.34 13.72 18.25
N ALA A 469 -11.46 12.99 18.33
CA ALA A 469 -11.49 11.55 18.65
C ALA A 469 -10.89 10.69 17.56
N LYS A 470 -9.82 9.95 17.85
CA LYS A 470 -9.44 8.81 17.01
C LYS A 470 -9.52 7.55 17.87
N GLU A 471 -10.34 6.60 17.40
CA GLU A 471 -10.34 5.22 17.87
C GLU A 471 -9.85 4.36 16.72
N ILE A 472 -9.00 3.38 17.01
CA ILE A 472 -8.41 2.51 15.99
C ILE A 472 -8.63 1.07 16.43
N LYS A 473 -9.26 0.26 15.59
CA LYS A 473 -9.41 -1.16 15.95
C LYS A 473 -8.13 -1.86 15.54
N TRP A 474 -7.24 -2.15 16.47
CA TRP A 474 -6.04 -2.85 16.06
C TRP A 474 -6.32 -4.33 15.98
N GLY A 475 -5.83 -4.96 14.94
CA GLY A 475 -6.12 -6.36 14.71
C GLY A 475 -5.03 -7.26 15.26
N GLY A 476 -4.94 -7.35 16.59
CA GLY A 476 -3.93 -8.14 17.24
C GLY A 476 -2.71 -7.36 17.69
N ALA A 477 -2.34 -6.28 16.99
CA ALA A 477 -1.14 -5.53 17.37
C ALA A 477 -1.23 -4.08 16.89
N LYS A 478 -0.63 -3.19 17.67
CA LYS A 478 -0.47 -1.80 17.24
C LYS A 478 0.80 -1.72 16.42
N HIS A 479 0.82 -0.76 15.49
CA HIS A 479 1.98 -0.56 14.64
C HIS A 479 3.02 0.26 15.40
N HIS A 480 4.20 -0.31 15.61
CA HIS A 480 5.26 0.44 16.28
C HIS A 480 6.27 0.91 15.27
N PRO A 481 6.31 2.22 14.93
CA PRO A 481 7.32 2.74 13.99
C PRO A 481 8.73 2.24 14.22
N GLU A 482 9.15 2.15 15.48
CA GLU A 482 10.51 1.75 15.78
C GLU A 482 10.78 0.31 15.36
N ASP A 483 9.74 -0.52 15.22
CA ASP A 483 9.94 -1.87 14.72
C ASP A 483 10.21 -1.82 13.22
N LYS A 484 11.25 -2.52 12.77
CA LYS A 484 11.42 -2.70 11.34
C LYS A 484 11.86 -4.14 11.05
N ASP A 485 11.49 -4.62 9.87
CA ASP A 485 11.63 -6.01 9.46
C ASP A 485 12.96 -6.61 9.91
N ASP A 486 12.89 -7.72 10.64
CA ASP A 486 14.08 -8.45 11.11
C ASP A 486 14.21 -9.72 10.27
N GLY A 487 15.28 -9.81 9.51
CA GLY A 487 15.47 -10.92 8.59
C GLY A 487 15.33 -12.30 9.21
N GLN A 488 16.07 -12.56 10.27
CA GLN A 488 16.08 -13.90 10.83
C GLN A 488 15.03 -14.11 11.92
N ARG A 489 14.13 -13.14 12.11
CA ARG A 489 12.88 -13.41 12.81
C ARG A 489 12.11 -14.49 12.08
N MET A 490 11.85 -15.61 12.76
CA MET A 490 11.27 -16.77 12.09
C MET A 490 9.81 -17.01 12.39
N HIS A 491 9.25 -16.34 13.39
CA HIS A 491 7.89 -16.70 13.79
C HIS A 491 6.97 -15.50 13.75
N PRO A 492 5.70 -15.72 13.49
CA PRO A 492 4.75 -14.61 13.39
C PRO A 492 3.95 -14.42 14.67
N ARG A 493 3.11 -13.40 14.67
CA ARG A 493 2.17 -13.18 15.77
C ARG A 493 1.21 -14.36 15.90
N SER A 494 0.52 -14.43 17.03
CA SER A 494 -0.35 -15.56 17.35
C SER A 494 -1.83 -15.25 17.28
N SER A 495 -2.26 -14.07 17.72
CA SER A 495 -3.68 -13.73 17.73
C SER A 495 -3.97 -12.61 16.73
N PHE A 496 -5.28 -12.33 16.54
CA PHE A 496 -5.66 -11.15 15.76
C PHE A 496 -6.91 -10.44 16.29
N LYS A 497 -7.33 -10.68 17.53
CA LYS A 497 -8.55 -10.08 18.07
C LYS A 497 -8.53 -8.56 17.89
N ALA A 498 -9.70 -7.98 17.65
CA ALA A 498 -9.80 -6.53 17.64
C ALA A 498 -9.53 -6.00 19.02
N PHE A 499 -8.93 -4.81 19.10
CA PHE A 499 -9.02 -4.05 20.35
C PHE A 499 -8.96 -2.57 20.04
N LEU A 500 -9.84 -1.81 20.66
CA LEU A 500 -9.84 -0.38 20.50
C LEU A 500 -8.57 0.22 21.10
N GLU A 501 -7.81 0.98 20.32
CA GLU A 501 -6.94 2.00 20.87
C GLU A 501 -7.71 3.29 20.81
N VAL A 502 -7.49 4.15 21.79
CA VAL A 502 -8.05 5.49 21.79
C VAL A 502 -6.87 6.42 21.94
N VAL A 503 -6.66 7.29 20.95
CA VAL A 503 -5.70 8.36 21.15
C VAL A 503 -6.42 9.46 21.88
N LYS A 504 -5.79 10.01 22.91
CA LYS A 504 -6.64 10.69 23.88
C LYS A 504 -6.52 12.19 23.87
N SER A 505 -5.40 12.77 23.43
CA SER A 505 -5.41 14.22 23.21
C SER A 505 -4.48 14.58 22.05
N ARG A 506 -5.03 14.49 20.84
CA ARG A 506 -4.41 14.75 19.56
C ARG A 506 -5.29 15.70 18.76
N SER A 507 -4.69 16.67 18.08
CA SER A 507 -5.44 17.42 17.09
C SER A 507 -5.26 16.76 15.74
N LEU A 508 -6.14 17.10 14.81
CA LEU A 508 -5.87 16.75 13.43
C LEU A 508 -4.49 17.29 13.06
N PRO A 509 -3.75 16.62 12.19
CA PRO A 509 -2.37 17.04 11.95
C PRO A 509 -2.30 18.21 10.97
N TRP A 510 -1.29 19.05 11.18
CA TRP A 510 -0.99 20.11 10.23
C TRP A 510 -0.38 19.50 8.98
N GLU A 511 -1.03 19.73 7.84
CA GLU A 511 -0.49 19.26 6.57
C GLU A 511 0.43 20.30 5.96
N ASN A 512 1.27 19.84 5.03
CA ASN A 512 2.27 20.71 4.46
C ASN A 512 1.65 21.91 3.79
N ALA A 513 0.42 21.79 3.27
CA ALA A 513 -0.24 22.93 2.63
C ALA A 513 -0.50 24.04 3.64
N GLU A 514 -1.09 23.69 4.78
CA GLU A 514 -1.35 24.67 5.82
C GLU A 514 -0.05 25.20 6.38
N MET A 515 0.97 24.34 6.43
CA MET A 515 2.27 24.78 6.89
C MET A 515 2.89 25.77 5.92
N ASP A 516 2.70 25.55 4.61
CA ASP A 516 3.18 26.48 3.60
C ASP A 516 2.49 27.82 3.72
N ALA A 517 1.16 27.79 3.84
CA ALA A 517 0.39 29.00 4.09
C ALA A 517 1.00 29.82 5.23
N ILE A 518 1.21 29.16 6.39
CA ILE A 518 1.74 29.83 7.57
C ILE A 518 3.14 30.37 7.30
N HIS A 519 4.02 29.54 6.75
CA HIS A 519 5.41 29.96 6.59
C HIS A 519 5.53 31.15 5.67
N SER A 520 4.76 31.16 4.58
CA SER A 520 4.83 32.28 3.67
C SER A 520 4.25 33.56 4.28
N LEU A 521 3.13 33.46 5.02
CA LEU A 521 2.68 34.62 5.76
C LEU A 521 3.76 35.13 6.72
N GLN A 522 4.47 34.20 7.34
CA GLN A 522 5.57 34.55 8.23
C GLN A 522 6.62 35.39 7.49
N LEU A 523 7.03 34.91 6.32
CA LEU A 523 8.05 35.62 5.54
C LEU A 523 7.59 37.00 5.16
N ILE A 524 6.36 37.12 4.65
CA ILE A 524 5.94 38.44 4.16
C ILE A 524 5.76 39.39 5.34
N LEU A 525 5.46 38.86 6.53
CA LEU A 525 5.30 39.76 7.66
C LEU A 525 6.62 40.23 8.25
N ARG A 526 7.65 39.38 8.25
CA ARG A 526 8.97 39.90 8.59
C ARG A 526 9.37 41.01 7.64
N ASP A 527 9.25 40.76 6.33
CA ASP A 527 9.51 41.78 5.32
C ASP A 527 8.78 43.08 5.66
N SER A 528 7.47 42.97 5.94
CA SER A 528 6.62 44.14 6.10
C SER A 528 6.91 44.91 7.38
N PHE A 529 7.17 44.20 8.48
CA PHE A 529 7.44 44.88 9.73
C PHE A 529 8.75 45.66 9.65
N LYS A 530 9.76 45.13 8.95
CA LYS A 530 10.96 45.95 8.85
C LYS A 530 10.85 47.05 7.78
N ASP A 531 9.98 46.86 6.77
CA ASP A 531 9.60 47.98 5.88
C ASP A 531 9.03 49.14 6.69
N ALA A 532 8.05 48.87 7.56
CA ALA A 532 7.48 49.91 8.41
C ALA A 532 8.52 50.49 9.37
N GLU A 533 9.32 49.62 9.99
CA GLU A 533 10.38 50.05 10.89
C GLU A 533 11.29 51.08 10.25
N HIS A 534 11.74 50.83 9.01
CA HIS A 534 12.69 51.72 8.36
C HIS A 534 12.05 52.92 7.69
N HIS A 535 10.79 52.81 7.24
CA HIS A 535 10.03 54.00 6.89
C HIS A 535 9.92 54.96 8.06
N HIS A 536 9.69 54.43 9.26
CA HIS A 536 9.60 55.27 10.45
C HIS A 536 10.78 54.99 11.39
#